data_5Y1J
#
_entry.id   5Y1J
#
_cell.length_a   34.668
_cell.length_b   162.046
_cell.length_c   115.619
_cell.angle_alpha   90.000
_cell.angle_beta   90.000
_cell.angle_gamma   90.000
#
_symmetry.space_group_name_H-M   'C 2 2 21'
#
loop_
_entity.id
_entity.type
_entity.pdbx_description
1 polymer 'Bile acid receptor'
2 polymer 'Peptide from Nuclear receptor coactivator 2'
3 non-polymer '2-[[2-fluoranyl-4-(3-methoxyphenyl)phenyl]carbamoyl]cyclopentene-1-carboxylic acid'
4 water water
#
loop_
_entity_poly.entity_id
_entity_poly.type
_entity_poly.pdbx_seq_one_letter_code
_entity_poly.pdbx_strand_id
1 'polypeptide(L)'
;ELTPDQQTLLHFIMDSYNKQRMPQEITNKILKEAFSAEENFLILTEMATNHVQVLVEFTKKLPGFQTLDHEDQIALLKGS
AVEAMFLRSAEIFNKKLPSGHSDLLEARIRNSGISDEYITPMFSFYKSIGELKMTQEEYALLTAIVILSPDRQYIKDREA
VEKLQEPLLDVLQKLCKIHQPENPQHFAKLLGRLTELRTFNHHHAEMLMSWRVNDHKFTPLLQEIWDV
;
A
2 'polypeptide(L)' NALLRYLLDK U
#
# COMPACT_ATOMS: atom_id res chain seq x y z
N GLU A 1 -23.20 -13.22 7.05
CA GLU A 1 -23.14 -13.37 8.52
C GLU A 1 -22.18 -12.41 9.21
N LEU A 2 -21.91 -11.22 8.67
CA LEU A 2 -21.25 -10.22 9.51
C LEU A 2 -22.11 -9.86 10.73
N THR A 3 -21.49 -9.83 11.87
CA THR A 3 -22.06 -9.28 13.07
C THR A 3 -22.40 -7.81 12.88
N PRO A 4 -23.26 -7.24 13.74
CA PRO A 4 -23.53 -5.80 13.63
C PRO A 4 -22.24 -5.02 13.78
N ASP A 5 -21.48 -5.39 14.79
CA ASP A 5 -20.19 -4.78 15.06
C ASP A 5 -19.18 -4.98 13.95
N GLN A 6 -19.33 -6.05 13.17
CA GLN A 6 -18.40 -6.32 12.10
C GLN A 6 -18.74 -5.43 10.96
N GLN A 7 -20.04 -5.27 10.72
CA GLN A 7 -20.56 -4.42 9.69
C GLN A 7 -20.22 -2.95 10.00
N THR A 8 -20.22 -2.58 11.25
CA THR A 8 -19.77 -1.27 11.64
C THR A 8 -18.29 -1.05 11.41
N LEU A 9 -17.49 -2.04 11.80
CA LEU A 9 -16.10 -2.06 11.48
C LEU A 9 -15.88 -1.88 10.03
N LEU A 10 -16.59 -2.66 9.21
CA LEU A 10 -16.41 -2.68 7.79
C LEU A 10 -16.73 -1.32 7.13
N HIS A 11 -17.82 -0.70 7.54
CA HIS A 11 -18.21 0.62 7.04
C HIS A 11 -17.11 1.70 7.33
N PHE A 12 -16.65 1.70 8.58
CA PHE A 12 -15.58 2.56 9.07
C PHE A 12 -14.27 2.42 8.29
N ILE A 13 -13.83 1.18 8.12
CA ILE A 13 -12.66 0.93 7.29
C ILE A 13 -12.90 1.39 5.83
N MET A 14 -14.08 1.10 5.30
CA MET A 14 -14.42 1.57 3.93
C MET A 14 -14.49 3.08 3.76
N ASP A 15 -15.12 3.73 4.69
CA ASP A 15 -15.18 5.18 4.69
C ASP A 15 -13.70 5.73 4.62
N SER A 16 -12.77 5.10 5.37
CA SER A 16 -11.44 5.68 5.51
C SER A 16 -10.66 5.33 4.31
N TYR A 17 -10.93 4.16 3.73
CA TYR A 17 -10.11 3.75 2.62
C TYR A 17 -10.38 4.61 1.34
N ASN A 18 -11.62 5.04 1.18
CA ASN A 18 -12.00 5.88 0.02
C ASN A 18 -11.99 7.36 0.34
N LYS A 19 -11.50 7.77 1.51
CA LYS A 19 -11.32 9.18 1.78
C LYS A 19 -9.98 9.53 1.18
N GLN A 20 -9.85 9.26 -0.12
CA GLN A 20 -8.53 9.24 -0.75
C GLN A 20 -8.46 10.22 -1.89
N ARG A 21 -7.44 10.07 -2.68
CA ARG A 21 -7.33 10.82 -3.92
C ARG A 21 -6.18 10.18 -4.61
N MET A 22 -6.31 10.27 -5.93
CA MET A 22 -5.18 10.36 -6.79
C MET A 22 -5.28 11.84 -7.17
N PRO A 23 -4.53 12.71 -6.51
CA PRO A 23 -4.81 14.07 -6.88
C PRO A 23 -4.73 14.34 -8.43
N GLN A 24 -5.56 15.29 -8.84
CA GLN A 24 -5.76 15.58 -10.25
C GLN A 24 -4.47 16.11 -10.82
N GLU A 25 -3.73 16.87 -10.03
CA GLU A 25 -2.50 17.40 -10.46
C GLU A 25 -1.49 16.33 -10.83
N ILE A 26 -1.49 15.19 -10.21
CA ILE A 26 -0.56 14.15 -10.55
C ILE A 26 -1.08 13.44 -11.82
N THR A 27 -2.40 13.14 -11.90
CA THR A 27 -2.98 12.65 -13.15
C THR A 27 -2.62 13.56 -14.39
N ASN A 28 -2.69 14.87 -14.18
CA ASN A 28 -2.43 15.80 -15.23
C ASN A 28 -1.00 15.66 -15.72
N LYS A 29 -0.06 15.59 -14.78
CA LYS A 29 1.31 15.32 -15.15
C LYS A 29 1.52 14.00 -15.86
N ILE A 30 0.94 12.93 -15.36
CA ILE A 30 1.04 11.63 -16.01
C ILE A 30 0.64 11.71 -17.47
N LEU A 31 -0.47 12.40 -17.73
CA LEU A 31 -1.06 12.38 -19.04
C LEU A 31 -0.55 13.53 -19.91
N LYS A 32 0.17 14.47 -19.33
CA LYS A 32 0.58 15.66 -20.06
C LYS A 32 2.02 16.07 -20.07
N GLU A 33 2.84 15.72 -19.08
CA GLU A 33 4.20 16.30 -19.01
C GLU A 33 5.08 15.72 -20.14
N ALA A 34 6.20 16.35 -20.33
CA ALA A 34 7.30 15.82 -21.13
C ALA A 34 7.73 14.50 -20.61
N PHE A 35 8.35 13.72 -21.47
CA PHE A 35 8.74 12.36 -21.12
C PHE A 35 10.29 12.26 -21.13
N SER A 36 10.93 12.08 -19.98
CA SER A 36 12.34 11.73 -19.89
C SER A 36 12.48 10.99 -18.55
N ALA A 37 13.61 10.32 -18.32
CA ALA A 37 13.89 9.66 -17.06
C ALA A 37 13.70 10.63 -15.90
N GLU A 38 14.27 11.81 -16.04
CA GLU A 38 14.13 12.89 -15.10
C GLU A 38 12.65 13.30 -14.72
N GLU A 39 11.82 13.60 -15.73
CA GLU A 39 10.44 14.01 -15.48
C GLU A 39 9.71 12.84 -14.94
N ASN A 40 9.95 11.65 -15.48
CA ASN A 40 9.22 10.47 -15.09
C ASN A 40 9.50 10.13 -13.57
N PHE A 41 10.75 10.24 -13.17
CA PHE A 41 11.08 10.03 -11.78
C PHE A 41 10.46 11.09 -10.90
N LEU A 42 10.39 12.33 -11.33
CA LEU A 42 9.71 13.38 -10.57
C LEU A 42 8.24 13.04 -10.37
N ILE A 43 7.57 12.55 -11.45
CA ILE A 43 6.19 12.10 -11.38
C ILE A 43 6.03 10.92 -10.44
N LEU A 44 6.93 9.94 -10.57
CA LEU A 44 6.94 8.79 -9.67
C LEU A 44 7.10 9.15 -8.16
N THR A 45 7.95 10.15 -7.90
CA THR A 45 8.19 10.73 -6.60
C THR A 45 6.90 11.28 -6.05
N GLU A 46 6.16 12.06 -6.84
CA GLU A 46 4.91 12.60 -6.44
C GLU A 46 3.91 11.49 -6.14
N MET A 47 3.88 10.46 -6.95
CA MET A 47 2.97 9.35 -6.75
C MET A 47 3.28 8.61 -5.43
N ALA A 48 4.54 8.28 -5.23
CA ALA A 48 4.95 7.65 -4.00
C ALA A 48 4.63 8.53 -2.80
N THR A 49 4.89 9.83 -2.90
CA THR A 49 4.56 10.74 -1.86
C THR A 49 3.07 10.75 -1.52
N ASN A 50 2.21 10.79 -2.53
CA ASN A 50 0.78 10.68 -2.28
C ASN A 50 0.40 9.36 -1.56
N HIS A 51 0.95 8.24 -2.00
CA HIS A 51 0.68 6.93 -1.38
C HIS A 51 1.03 6.97 0.09
N VAL A 52 2.13 7.58 0.44
CA VAL A 52 2.56 7.62 1.80
C VAL A 52 1.67 8.52 2.66
N GLN A 53 1.30 9.69 2.11
CA GLN A 53 0.30 10.56 2.81
C GLN A 53 -1.03 9.88 3.00
N VAL A 54 -1.48 9.19 1.99
CA VAL A 54 -2.69 8.41 2.10
C VAL A 54 -2.61 7.30 3.19
N LEU A 55 -1.49 6.61 3.21
CA LEU A 55 -1.20 5.56 4.15
C LEU A 55 -1.23 6.13 5.59
N VAL A 56 -0.59 7.28 5.78
CA VAL A 56 -0.58 7.87 7.09
C VAL A 56 -1.99 8.19 7.53
N GLU A 57 -2.79 8.72 6.62
CA GLU A 57 -4.16 9.16 7.01
C GLU A 57 -5.04 7.96 7.34
N PHE A 58 -4.90 6.91 6.55
CA PHE A 58 -5.61 5.64 6.76
C PHE A 58 -5.19 4.98 8.05
N THR A 59 -3.90 4.84 8.26
CA THR A 59 -3.32 4.24 9.45
C THR A 59 -3.83 4.92 10.77
N LYS A 60 -3.80 6.25 10.84
CA LYS A 60 -4.13 6.91 12.06
C LYS A 60 -5.60 6.66 12.41
N LYS A 61 -6.45 6.36 11.45
CA LYS A 61 -7.84 6.16 11.71
C LYS A 61 -8.21 4.75 12.03
N LEU A 62 -7.29 3.80 11.87
CA LEU A 62 -7.62 2.42 12.09
C LEU A 62 -8.03 2.22 13.57
N PRO A 63 -9.16 1.55 13.79
CA PRO A 63 -9.64 1.36 15.20
C PRO A 63 -8.58 0.76 16.08
N GLY A 64 -8.32 1.42 17.20
CA GLY A 64 -7.33 0.98 18.14
C GLY A 64 -5.93 1.52 17.88
N PHE A 65 -5.64 2.09 16.68
CA PHE A 65 -4.27 2.44 16.41
C PHE A 65 -3.78 3.47 17.36
N GLN A 66 -4.67 4.39 17.72
CA GLN A 66 -4.27 5.49 18.63
C GLN A 66 -4.00 5.00 20.08
N THR A 67 -4.42 3.82 20.42
CA THR A 67 -4.17 3.29 21.73
C THR A 67 -2.75 2.69 21.82
N LEU A 68 -2.05 2.50 20.69
CA LEU A 68 -0.82 1.79 20.74
C LEU A 68 0.30 2.63 21.20
N ASP A 69 1.34 1.96 21.67
CA ASP A 69 2.54 2.61 22.07
C ASP A 69 3.06 3.49 20.93
N HIS A 70 3.53 4.67 21.22
CA HIS A 70 3.90 5.60 20.13
C HIS A 70 5.11 5.20 19.24
N GLU A 71 6.10 4.50 19.78
CA GLU A 71 7.15 3.96 18.97
C GLU A 71 6.64 2.79 18.16
N ASP A 72 5.73 2.00 18.72
CA ASP A 72 5.19 0.92 17.90
C ASP A 72 4.40 1.48 16.68
N GLN A 73 3.66 2.53 16.91
CA GLN A 73 2.94 3.27 15.85
C GLN A 73 3.88 3.57 14.68
N ILE A 74 5.05 4.10 14.99
CA ILE A 74 6.01 4.38 13.90
C ILE A 74 6.59 3.14 13.26
N ALA A 75 6.95 2.13 14.08
CA ALA A 75 7.39 0.89 13.56
C ALA A 75 6.35 0.24 12.64
N LEU A 76 5.06 0.31 12.94
CA LEU A 76 4.08 -0.26 12.07
C LEU A 76 4.00 0.57 10.75
N LEU A 77 4.03 1.87 10.90
CA LEU A 77 3.88 2.74 9.73
C LEU A 77 5.06 2.46 8.77
N LYS A 78 6.30 2.54 9.26
CA LYS A 78 7.46 2.28 8.40
C LYS A 78 7.47 0.85 7.88
N GLY A 79 7.05 -0.09 8.72
CA GLY A 79 7.12 -1.49 8.34
C GLY A 79 6.15 -1.87 7.22
N SER A 80 5.07 -1.13 7.11
CA SER A 80 3.96 -1.46 6.16
C SER A 80 4.05 -0.70 4.85
N ALA A 81 4.90 0.34 4.82
CA ALA A 81 4.82 1.35 3.75
C ALA A 81 4.97 0.75 2.35
N VAL A 82 5.94 -0.15 2.16
CA VAL A 82 6.21 -0.74 0.83
C VAL A 82 5.08 -1.62 0.39
N GLU A 83 4.71 -2.57 1.26
CA GLU A 83 3.59 -3.45 1.01
C GLU A 83 2.31 -2.72 0.71
N ALA A 84 1.97 -1.73 1.51
CA ALA A 84 0.73 -0.99 1.32
C ALA A 84 0.69 -0.21 0.02
N MET A 85 1.82 0.41 -0.29
CA MET A 85 1.96 1.08 -1.56
C MET A 85 1.71 0.16 -2.78
N PHE A 86 2.41 -0.97 -2.85
CA PHE A 86 2.22 -1.87 -3.98
C PHE A 86 0.88 -2.50 -4.01
N LEU A 87 0.22 -2.72 -2.88
CA LEU A 87 -1.18 -3.17 -2.90
C LEU A 87 -2.15 -2.15 -3.48
N ARG A 88 -2.00 -0.85 -3.09
CA ARG A 88 -2.77 0.18 -3.63
C ARG A 88 -2.52 0.36 -5.17
N SER A 89 -1.28 0.28 -5.59
CA SER A 89 -0.92 0.27 -7.03
C SER A 89 -1.58 -0.87 -7.77
N ALA A 90 -1.60 -2.07 -7.17
CA ALA A 90 -2.30 -3.20 -7.77
C ALA A 90 -3.80 -2.92 -7.92
N GLU A 91 -4.46 -2.37 -6.89
CA GLU A 91 -5.86 -2.02 -6.99
C GLU A 91 -6.12 -1.08 -8.18
N ILE A 92 -5.28 -0.06 -8.26
CA ILE A 92 -5.41 0.97 -9.28
C ILE A 92 -5.19 0.43 -10.66
N PHE A 93 -4.11 -0.32 -10.83
CA PHE A 93 -3.76 -0.98 -12.08
C PHE A 93 -4.92 -1.87 -12.58
N ASN A 94 -5.63 -2.48 -11.67
CA ASN A 94 -6.64 -3.37 -12.08
C ASN A 94 -8.03 -2.76 -12.22
N LYS A 95 -8.24 -1.52 -11.88
CA LYS A 95 -9.53 -0.89 -12.23
C LYS A 95 -10.01 -0.99 -13.70
N PRO A 98 -8.99 3.31 -17.70
CA PRO A 98 -8.75 3.27 -19.15
C PRO A 98 -7.35 2.76 -19.43
N SER A 99 -7.14 2.07 -20.53
CA SER A 99 -5.82 1.45 -20.82
C SER A 99 -4.85 2.34 -21.59
N GLY A 100 -5.34 3.41 -22.23
CA GLY A 100 -4.44 4.39 -22.82
C GLY A 100 -3.73 5.15 -21.68
N HIS A 101 -4.50 5.50 -20.67
CA HIS A 101 -3.98 6.17 -19.48
C HIS A 101 -2.93 5.21 -18.82
N SER A 102 -3.25 3.91 -18.84
CA SER A 102 -2.45 2.86 -18.24
C SER A 102 -1.14 2.63 -18.96
N ASP A 103 -1.17 2.67 -20.29
CA ASP A 103 0.02 2.47 -21.06
C ASP A 103 0.94 3.61 -20.91
N LEU A 104 0.40 4.82 -20.82
CA LEU A 104 1.25 5.98 -20.69
C LEU A 104 1.97 5.98 -19.30
N LEU A 105 1.19 5.70 -18.25
CA LEU A 105 1.77 5.57 -16.91
C LEU A 105 2.82 4.44 -16.81
N GLU A 106 2.48 3.29 -17.32
CA GLU A 106 3.42 2.20 -17.35
C GLU A 106 4.71 2.55 -18.09
N ALA A 107 4.61 3.26 -19.21
CA ALA A 107 5.81 3.71 -19.93
C ALA A 107 6.66 4.68 -19.11
N ARG A 108 6.00 5.53 -18.33
CA ARG A 108 6.78 6.42 -17.49
C ARG A 108 7.53 5.61 -16.43
N ILE A 109 6.82 4.68 -15.81
CA ILE A 109 7.41 3.92 -14.67
C ILE A 109 8.62 3.13 -15.17
N ARG A 110 8.49 2.58 -16.38
CA ARG A 110 9.56 1.80 -17.05
C ARG A 110 10.67 2.69 -17.51
N ASN A 111 10.48 3.99 -17.51
CA ASN A 111 11.53 4.88 -17.84
C ASN A 111 11.74 6.00 -16.85
N SER A 112 12.04 5.59 -15.61
CA SER A 112 12.17 6.55 -14.55
C SER A 112 13.56 6.48 -13.87
N GLY A 113 14.48 5.80 -14.53
CA GLY A 113 15.92 5.90 -14.21
C GLY A 113 16.55 4.59 -13.74
N ILE A 114 15.78 3.49 -13.69
CA ILE A 114 16.34 2.21 -13.37
C ILE A 114 15.81 1.24 -14.38
N SER A 115 16.43 0.06 -14.46
CA SER A 115 16.13 -0.90 -15.54
C SER A 115 14.88 -1.67 -15.36
N ASP A 116 14.56 -2.34 -16.44
CA ASP A 116 13.35 -3.10 -16.53
C ASP A 116 13.39 -4.32 -15.64
N GLU A 117 14.56 -4.84 -15.33
CA GLU A 117 14.54 -5.96 -14.38
C GLU A 117 13.96 -5.47 -12.99
N TYR A 118 14.12 -4.20 -12.62
CA TYR A 118 13.47 -3.69 -11.40
C TYR A 118 11.98 -3.43 -11.56
N ILE A 119 11.48 -3.21 -12.79
CA ILE A 119 10.13 -2.72 -12.96
C ILE A 119 9.17 -3.81 -13.31
N THR A 120 9.60 -4.75 -14.15
CA THR A 120 8.73 -5.83 -14.53
C THR A 120 8.09 -6.59 -13.36
N PRO A 121 8.86 -6.88 -12.32
CA PRO A 121 8.24 -7.70 -11.29
C PRO A 121 7.00 -7.01 -10.66
N MET A 122 7.00 -5.70 -10.53
CA MET A 122 5.80 -4.99 -10.06
C MET A 122 4.60 -5.32 -10.92
N PHE A 123 4.76 -5.21 -12.25
CA PHE A 123 3.64 -5.46 -13.13
C PHE A 123 3.21 -6.91 -13.19
N SER A 124 4.14 -7.86 -13.12
CA SER A 124 3.70 -9.24 -12.91
C SER A 124 2.89 -9.40 -11.66
N PHE A 125 3.27 -8.74 -10.57
CA PHE A 125 2.46 -8.83 -9.37
C PHE A 125 1.09 -8.20 -9.59
N TYR A 126 1.01 -7.01 -10.20
CA TYR A 126 -0.31 -6.43 -10.42
C TYR A 126 -1.27 -7.43 -11.17
N LYS A 127 -0.75 -8.07 -12.23
CA LYS A 127 -1.52 -9.07 -13.00
C LYS A 127 -1.94 -10.26 -12.17
N SER A 128 -0.99 -10.77 -11.36
CA SER A 128 -1.22 -11.88 -10.47
C SER A 128 -2.38 -11.63 -9.55
N ILE A 129 -2.38 -10.50 -8.84
CA ILE A 129 -3.45 -10.24 -7.91
C ILE A 129 -4.72 -9.88 -8.67
N GLY A 130 -4.57 -9.26 -9.84
CA GLY A 130 -5.69 -8.92 -10.70
C GLY A 130 -6.56 -10.09 -11.10
N GLU A 131 -5.94 -11.25 -11.25
CA GLU A 131 -6.69 -12.48 -11.61
C GLU A 131 -7.64 -12.84 -10.50
N LEU A 132 -7.41 -12.33 -9.31
CA LEU A 132 -8.27 -12.67 -8.19
C LEU A 132 -9.66 -11.93 -8.18
N LYS A 133 -9.75 -10.88 -8.95
CA LYS A 133 -11.00 -10.09 -9.06
C LYS A 133 -11.52 -9.63 -7.73
N MET A 134 -10.64 -9.10 -6.89
CA MET A 134 -11.02 -8.61 -5.59
C MET A 134 -11.85 -7.36 -5.67
N THR A 135 -12.79 -7.25 -4.73
CA THR A 135 -13.61 -6.08 -4.59
C THR A 135 -12.83 -5.03 -3.76
N GLN A 136 -13.33 -3.81 -3.79
CA GLN A 136 -12.74 -2.76 -3.03
C GLN A 136 -12.68 -3.06 -1.53
N GLU A 137 -13.70 -3.70 -0.97
CA GLU A 137 -13.70 -4.06 0.40
C GLU A 137 -12.55 -5.00 0.75
N GLU A 138 -12.25 -5.92 -0.17
CA GLU A 138 -11.13 -6.88 0.06
C GLU A 138 -9.78 -6.11 0.07
N TYR A 139 -9.58 -5.20 -0.88
CA TYR A 139 -8.35 -4.39 -0.87
C TYR A 139 -8.23 -3.58 0.43
N ALA A 140 -9.32 -2.98 0.91
CA ALA A 140 -9.28 -2.18 2.15
C ALA A 140 -8.94 -3.00 3.38
N LEU A 141 -9.58 -4.17 3.51
CA LEU A 141 -9.29 -4.99 4.67
C LEU A 141 -7.88 -5.56 4.57
N LEU A 142 -7.45 -5.92 3.37
CA LEU A 142 -6.10 -6.43 3.27
C LEU A 142 -5.09 -5.36 3.65
N THR A 143 -5.38 -4.13 3.24
CA THR A 143 -4.50 -3.04 3.57
C THR A 143 -4.39 -2.85 5.09
N ALA A 144 -5.52 -2.92 5.78
CA ALA A 144 -5.56 -2.78 7.25
C ALA A 144 -4.76 -3.88 7.94
N ILE A 145 -4.82 -5.07 7.35
CA ILE A 145 -4.18 -6.27 7.89
C ILE A 145 -2.64 -6.21 7.68
N VAL A 146 -2.27 -5.73 6.52
CA VAL A 146 -0.87 -5.37 6.25
C VAL A 146 -0.29 -4.35 7.23
N ILE A 147 -1.01 -3.29 7.51
CA ILE A 147 -0.55 -2.28 8.43
C ILE A 147 -0.47 -2.77 9.88
N LEU A 148 -1.50 -3.49 10.32
CA LEU A 148 -1.51 -4.02 11.70
C LEU A 148 -0.88 -5.37 11.76
N SER A 149 0.36 -5.48 11.27
CA SER A 149 1.02 -6.75 11.34
C SER A 149 1.82 -6.91 12.65
N PRO A 150 1.61 -7.99 13.39
CA PRO A 150 2.40 -8.12 14.64
C PRO A 150 3.82 -8.62 14.42
N ASP A 151 4.18 -8.83 13.16
CA ASP A 151 5.44 -9.42 12.80
C ASP A 151 6.47 -8.41 12.41
N ARG A 152 6.21 -7.11 12.52
CA ARG A 152 7.18 -6.16 12.00
C ARG A 152 8.31 -6.01 12.96
N GLN A 153 9.43 -5.63 12.35
CA GLN A 153 10.63 -5.24 13.10
C GLN A 153 10.39 -4.18 14.11
N TYR A 154 11.00 -4.37 15.28
CA TYR A 154 10.96 -3.44 16.43
C TYR A 154 9.75 -3.24 17.31
N ILE A 155 8.68 -3.96 17.04
CA ILE A 155 7.46 -3.84 17.85
C ILE A 155 7.73 -4.32 19.30
N LYS A 156 7.39 -3.47 20.26
CA LYS A 156 7.57 -3.75 21.68
C LYS A 156 6.43 -4.59 22.25
N ASP A 157 5.21 -4.42 21.76
CA ASP A 157 4.04 -5.12 22.26
C ASP A 157 3.29 -5.73 21.14
N ARG A 158 3.74 -6.91 20.75
CA ARG A 158 3.21 -7.59 19.58
C ARG A 158 1.82 -8.08 19.85
N GLU A 159 1.51 -8.48 21.10
CA GLU A 159 0.13 -8.97 21.37
C GLU A 159 -0.90 -7.87 21.20
N ALA A 160 -0.59 -6.63 21.60
CA ALA A 160 -1.54 -5.55 21.37
C ALA A 160 -1.90 -5.36 19.88
N VAL A 161 -0.93 -5.54 18.99
CA VAL A 161 -1.18 -5.41 17.54
C VAL A 161 -1.95 -6.59 17.03
N GLU A 162 -1.60 -7.78 17.48
CA GLU A 162 -2.34 -9.00 17.13
C GLU A 162 -3.82 -8.90 17.46
N LYS A 163 -4.16 -8.29 18.61
CA LYS A 163 -5.55 -8.09 18.98
C LYS A 163 -6.35 -7.15 18.06
N LEU A 164 -5.66 -6.19 17.45
CA LEU A 164 -6.29 -5.29 16.49
C LEU A 164 -6.37 -5.93 15.15
N GLN A 165 -5.40 -6.76 14.78
CA GLN A 165 -5.43 -7.44 13.49
C GLN A 165 -6.46 -8.55 13.41
N GLU A 166 -6.66 -9.26 14.51
CA GLU A 166 -7.54 -10.46 14.47
C GLU A 166 -8.95 -10.20 13.99
N PRO A 167 -9.63 -9.19 14.51
CA PRO A 167 -11.00 -8.87 14.02
C PRO A 167 -11.07 -8.56 12.53
N LEU A 168 -9.98 -8.02 11.94
CA LEU A 168 -9.98 -7.69 10.49
C LEU A 168 -9.87 -8.94 9.69
N LEU A 169 -9.10 -9.90 10.18
CA LEU A 169 -8.95 -11.14 9.46
C LEU A 169 -10.28 -11.90 9.47
N ASP A 170 -10.97 -11.88 10.58
CA ASP A 170 -12.31 -12.49 10.71
C ASP A 170 -13.29 -11.89 9.72
N VAL A 171 -13.28 -10.55 9.71
CA VAL A 171 -14.09 -9.85 8.71
C VAL A 171 -13.72 -10.20 7.29
N LEU A 172 -12.44 -10.26 6.94
CA LEU A 172 -12.06 -10.58 5.57
C LEU A 172 -12.53 -12.03 5.13
N GLN A 173 -12.38 -12.93 6.05
CA GLN A 173 -12.82 -14.32 5.86
C GLN A 173 -14.29 -14.33 5.54
N LYS A 174 -15.13 -13.68 6.33
CA LYS A 174 -16.58 -13.56 5.95
C LYS A 174 -16.85 -12.88 4.64
N LEU A 175 -16.16 -11.75 4.35
CA LEU A 175 -16.31 -11.14 3.01
C LEU A 175 -15.92 -11.98 1.86
N CYS A 176 -14.89 -12.82 2.00
CA CYS A 176 -14.56 -13.68 0.91
C CYS A 176 -15.73 -14.63 0.54
N LYS A 177 -16.48 -15.03 1.53
CA LYS A 177 -17.63 -15.93 1.32
C LYS A 177 -18.88 -15.22 0.77
N ILE A 178 -19.01 -13.93 1.07
CA ILE A 178 -20.04 -13.07 0.54
C ILE A 178 -19.75 -12.74 -0.89
N HIS A 179 -18.52 -12.30 -1.24
CA HIS A 179 -18.20 -11.89 -2.58
C HIS A 179 -17.76 -12.93 -3.50
N GLN A 180 -17.20 -14.04 -3.00
CA GLN A 180 -16.90 -15.10 -3.90
C GLN A 180 -17.42 -16.43 -3.35
N PRO A 181 -18.73 -16.56 -3.25
CA PRO A 181 -19.34 -17.76 -2.65
C PRO A 181 -19.03 -19.05 -3.34
N GLU A 182 -18.71 -19.01 -4.62
CA GLU A 182 -18.39 -20.20 -5.34
C GLU A 182 -16.93 -20.59 -5.25
N ASN A 183 -16.06 -19.76 -4.71
CA ASN A 183 -14.66 -20.23 -4.58
C ASN A 183 -14.25 -20.22 -3.13
N PRO A 184 -14.40 -21.34 -2.46
CA PRO A 184 -14.04 -21.38 -1.06
C PRO A 184 -12.54 -21.28 -0.77
N GLN A 185 -11.68 -21.37 -1.73
CA GLN A 185 -10.25 -21.09 -1.49
C GLN A 185 -9.85 -19.64 -1.67
N HIS A 186 -10.82 -18.76 -1.82
CA HIS A 186 -10.51 -17.36 -2.14
C HIS A 186 -9.69 -16.71 -1.02
N PHE A 187 -10.09 -16.86 0.23
CA PHE A 187 -9.39 -16.32 1.40
C PHE A 187 -7.90 -16.77 1.47
N ALA A 188 -7.71 -18.08 1.31
CA ALA A 188 -6.40 -18.65 1.24
C ALA A 188 -5.60 -18.07 0.11
N LYS A 189 -6.22 -17.79 -1.03
CA LYS A 189 -5.49 -17.19 -2.15
C LYS A 189 -5.10 -15.76 -1.83
N LEU A 190 -5.98 -15.01 -1.21
CA LEU A 190 -5.60 -13.63 -0.79
C LEU A 190 -4.34 -13.67 0.11
N LEU A 191 -4.30 -14.59 1.09
CA LEU A 191 -3.17 -14.70 2.02
C LEU A 191 -1.89 -15.15 1.30
N GLY A 192 -2.01 -15.99 0.27
CA GLY A 192 -0.88 -16.35 -0.61
C GLY A 192 -0.35 -15.14 -1.37
N ARG A 193 -1.23 -14.26 -1.83
CA ARG A 193 -0.77 -13.02 -2.46
C ARG A 193 -0.09 -12.03 -1.46
N LEU A 194 -0.50 -12.02 -0.18
CA LEU A 194 0.21 -11.29 0.84
C LEU A 194 1.65 -11.75 0.97
N THR A 195 1.86 -13.06 0.93
CA THR A 195 3.21 -13.62 0.85
C THR A 195 3.97 -13.15 -0.33
N GLU A 196 3.38 -13.15 -1.50
CA GLU A 196 3.98 -12.58 -2.63
C GLU A 196 4.35 -11.05 -2.41
N LEU A 197 3.43 -10.33 -1.83
CA LEU A 197 3.59 -8.87 -1.57
C LEU A 197 4.79 -8.64 -0.70
N ARG A 198 5.01 -9.50 0.30
CA ARG A 198 6.13 -9.32 1.22
C ARG A 198 7.53 -9.40 0.52
N THR A 199 7.61 -9.99 -0.65
CA THR A 199 8.89 -10.09 -1.34
C THR A 199 9.28 -8.76 -1.88
N PHE A 200 8.34 -7.86 -1.95
CA PHE A 200 8.68 -6.50 -2.42
C PHE A 200 9.51 -5.67 -1.46
N ASN A 201 9.62 -6.07 -0.19
CA ASN A 201 10.38 -5.31 0.76
C ASN A 201 11.83 -5.33 0.31
N HIS A 202 12.31 -6.51 0.00
CA HIS A 202 13.68 -6.63 -0.48
C HIS A 202 13.83 -6.02 -1.89
N HIS A 203 12.85 -6.25 -2.74
CA HIS A 203 12.89 -5.74 -4.10
C HIS A 203 12.93 -4.20 -4.11
N HIS A 204 12.11 -3.59 -3.27
CA HIS A 204 12.09 -2.13 -3.13
C HIS A 204 13.43 -1.59 -2.67
N ALA A 205 14.10 -2.26 -1.73
CA ALA A 205 15.35 -1.78 -1.25
C ALA A 205 16.40 -1.80 -2.36
N GLU A 206 16.34 -2.81 -3.21
CA GLU A 206 17.28 -2.89 -4.38
C GLU A 206 16.99 -1.79 -5.38
N MET A 207 15.70 -1.47 -5.59
CA MET A 207 15.30 -0.31 -6.41
C MET A 207 15.92 1.01 -5.95
N LEU A 208 15.80 1.27 -4.64
CA LEU A 208 16.33 2.47 -4.05
C LEU A 208 17.84 2.55 -4.23
N MET A 209 18.50 1.45 -3.95
CA MET A 209 19.91 1.34 -4.14
C MET A 209 20.35 1.66 -5.59
N SER A 210 19.72 1.04 -6.57
CA SER A 210 19.98 1.39 -8.02
C SER A 210 19.74 2.88 -8.35
N TRP A 211 18.59 3.44 -7.90
CA TRP A 211 18.37 4.83 -8.06
C TRP A 211 19.49 5.72 -7.52
N ARG A 212 19.97 5.39 -6.34
CA ARG A 212 20.94 6.23 -5.62
C ARG A 212 22.34 6.08 -6.20
N VAL A 213 22.67 4.90 -6.69
CA VAL A 213 23.92 4.76 -7.50
C VAL A 213 23.82 5.65 -8.74
N ASN A 214 22.65 5.68 -9.36
CA ASN A 214 22.38 6.59 -10.52
C ASN A 214 22.21 8.02 -10.17
N ASP A 215 22.62 8.44 -8.97
CA ASP A 215 22.51 9.80 -8.55
C ASP A 215 21.09 10.38 -8.37
N HIS A 216 20.04 9.57 -8.26
CA HIS A 216 18.70 10.12 -7.99
C HIS A 216 18.54 10.41 -6.52
N LYS A 217 17.83 11.47 -6.18
CA LYS A 217 17.63 11.79 -4.78
C LYS A 217 16.15 11.62 -4.46
N PHE A 218 15.89 11.39 -3.18
CA PHE A 218 14.53 11.24 -2.70
C PHE A 218 14.15 12.40 -1.83
N THR A 219 12.90 12.77 -1.94
CA THR A 219 12.41 13.87 -1.18
C THR A 219 12.18 13.50 0.29
N PRO A 220 11.95 14.53 1.12
CA PRO A 220 11.94 14.29 2.62
C PRO A 220 10.99 13.21 3.10
N LEU A 221 9.77 13.25 2.70
CA LEU A 221 8.89 12.20 3.19
C LEU A 221 9.36 10.75 2.82
N LEU A 222 9.77 10.58 1.55
CA LEU A 222 10.30 9.27 1.14
C LEU A 222 11.55 8.88 1.87
N GLN A 223 12.46 9.81 2.07
CA GLN A 223 13.66 9.50 2.84
C GLN A 223 13.34 8.99 4.23
N GLU A 224 12.38 9.61 4.85
CA GLU A 224 11.99 9.19 6.22
C GLU A 224 11.26 7.89 6.34
N ILE A 225 10.18 7.77 5.60
CA ILE A 225 9.40 6.52 5.51
C ILE A 225 10.25 5.31 5.14
N TRP A 226 11.20 5.43 4.21
CA TRP A 226 11.91 4.26 3.72
C TRP A 226 13.33 4.23 4.29
N ASP A 227 13.69 5.16 5.19
CA ASP A 227 15.02 5.20 5.87
C ASP A 227 16.17 5.29 4.88
N VAL A 228 16.11 6.26 4.00
CA VAL A 228 17.13 6.45 3.00
C VAL A 228 18.23 7.19 3.74
N ASN B 1 12.46 10.41 13.47
CA ASN B 1 11.13 10.29 12.83
C ASN B 1 10.20 11.49 13.14
N ALA B 2 10.79 12.68 13.18
CA ALA B 2 10.03 13.90 13.41
C ALA B 2 8.91 14.11 12.41
N LEU B 3 9.24 13.87 11.13
CA LEU B 3 8.25 14.11 10.06
C LEU B 3 7.10 13.12 10.15
N LEU B 4 7.41 11.86 10.29
CA LEU B 4 6.31 10.87 10.43
C LEU B 4 5.46 11.12 11.69
N ARG B 5 6.08 11.44 12.81
CA ARG B 5 5.32 11.72 14.06
C ARG B 5 4.48 12.92 13.90
N TYR B 6 5.02 13.90 13.15
CA TYR B 6 4.27 15.12 12.87
C TYR B 6 3.04 14.81 12.05
N LEU B 7 3.17 13.97 11.03
CA LEU B 7 1.98 13.66 10.21
C LEU B 7 1.01 12.74 10.94
N LEU B 8 1.51 11.83 11.72
CA LEU B 8 0.57 10.95 12.46
C LEU B 8 -0.20 11.72 13.52
N ASP B 9 0.44 12.71 14.11
CA ASP B 9 -0.19 13.50 15.18
C ASP B 9 -1.07 14.64 14.73
N LYS B 10 -0.95 15.13 13.52
CA LYS B 10 -1.94 16.11 13.15
C LYS B 10 -3.33 15.46 12.91
#